data_1DRY
#
_entry.id   1DRY
#
_cell.length_a   64.810
_cell.length_b   69.170
_cell.length_c   70.020
_cell.angle_alpha   90.00
_cell.angle_beta   90.00
_cell.angle_gamma   90.00
#
_symmetry.space_group_name_H-M   'P 21 21 21'
#
loop_
_entity.id
_entity.type
_entity.pdbx_description
1 polymer 'CLAVAMINATE SYNTHASE 1'
2 non-polymer N-ALPHA-L-ACETYL-ARGININE
3 non-polymer 'FE (II) ION'
4 non-polymer 'SULFATE ION'
5 non-polymer '2-OXOGLUTARIC ACID'
6 non-polymer GLYCEROL
7 water water
#
_entity_poly.entity_id   1
_entity_poly.type   'polypeptide(L)'
_entity_poly.pdbx_seq_one_letter_code
;MTSVDCTAYGPELRALAARLPRTPRADLYAFLDAAHTAAASLPGALATALDTFNAEGSEDGHLLLRGLPVEADADLPTTP
SSTPAPEDRSLLTMEAMLGLVGRRLGLHTGYRELRSGTVYHDVYPSPGAHHLSSETSETLLEFHTEMAYHRLQPNYVMLA
CSRADHERTAATLVASVRKALPLLDERTRARLLDRRMPCCVDVAFRGGVDDPGAIAQVKPLYGDADDPFLGYDRELLAPE
DPADKEAVAALSKALDEVTEAVYLEPGDLLIVDNFRTTHARTPFSPRWDGKDRWLHRVYIRTDRNGQLSGGERAGDVVAF
TPRG
;
_entity_poly.pdbx_strand_id   A
#
loop_
_chem_comp.id
_chem_comp.type
_chem_comp.name
_chem_comp.formula
AAG non-polymer N-ALPHA-L-ACETYL-ARGININE 'C8 H16 N4 O3'
AKG non-polymer '2-OXOGLUTARIC ACID' 'C5 H6 O5'
FE2 non-polymer 'FE (II) ION' 'Fe 2'
GOL non-polymer GLYCEROL 'C3 H8 O3'
SO4 non-polymer 'SULFATE ION' 'O4 S -2'
#
# COMPACT_ATOMS: atom_id res chain seq x y z
N THR A 2 -0.02 -12.45 -6.97
CA THR A 2 -0.03 -13.84 -6.43
C THR A 2 -1.22 -13.83 -5.46
N SER A 3 -2.03 -14.89 -5.44
CA SER A 3 -3.22 -14.92 -4.58
C SER A 3 -3.24 -16.09 -3.64
N VAL A 4 -3.92 -15.92 -2.52
CA VAL A 4 -4.05 -16.99 -1.55
C VAL A 4 -5.48 -16.97 -1.06
N ASP A 5 -6.18 -18.08 -1.26
CA ASP A 5 -7.56 -18.19 -0.83
C ASP A 5 -7.50 -18.53 0.65
N CYS A 6 -7.98 -17.60 1.48
CA CYS A 6 -7.92 -17.78 2.94
C CYS A 6 -9.24 -18.25 3.55
N THR A 7 -10.20 -18.62 2.72
CA THR A 7 -11.49 -19.07 3.20
C THR A 7 -11.43 -20.12 4.31
N ALA A 8 -10.58 -21.12 4.15
CA ALA A 8 -10.51 -22.18 5.14
C ALA A 8 -10.02 -21.71 6.51
N TYR A 9 -9.34 -20.56 6.54
CA TYR A 9 -8.76 -20.03 7.77
C TYR A 9 -9.74 -19.12 8.53
N GLY A 10 -10.98 -18.97 8.05
CA GLY A 10 -11.90 -18.03 8.66
C GLY A 10 -12.04 -18.14 10.18
N PRO A 11 -12.39 -19.35 10.66
CA PRO A 11 -12.56 -19.51 12.11
C PRO A 11 -11.31 -19.21 12.88
N GLU A 12 -10.13 -19.68 12.45
CA GLU A 12 -8.89 -19.41 13.15
C GLU A 12 -8.54 -17.91 13.12
N LEU A 13 -8.77 -17.26 12.00
CA LEU A 13 -8.46 -15.85 11.90
C LEU A 13 -9.41 -15.02 12.73
N ARG A 14 -10.68 -15.42 12.81
CA ARG A 14 -11.61 -14.65 13.63
C ARG A 14 -11.18 -14.82 15.11
N ALA A 15 -10.70 -16.01 15.47
CA ALA A 15 -10.18 -16.21 16.84
C ALA A 15 -8.95 -15.28 17.10
N LEU A 16 -7.98 -15.22 16.17
CA LEU A 16 -6.82 -14.38 16.40
C LEU A 16 -7.25 -12.91 16.52
N ALA A 17 -8.23 -12.50 15.71
CA ALA A 17 -8.72 -11.10 15.74
C ALA A 17 -9.30 -10.82 17.14
N ALA A 18 -9.95 -11.84 17.69
CA ALA A 18 -10.52 -11.73 19.04
C ALA A 18 -9.49 -11.54 20.12
N ARG A 19 -8.23 -11.86 19.88
CA ARG A 19 -7.23 -11.69 20.93
C ARG A 19 -6.86 -10.20 21.09
N LEU A 20 -7.16 -9.41 20.06
CA LEU A 20 -6.68 -8.06 20.04
C LEU A 20 -7.54 -7.04 20.78
N PRO A 21 -6.87 -5.97 21.28
CA PRO A 21 -7.63 -4.91 21.99
C PRO A 21 -8.74 -4.38 21.04
N ARG A 22 -9.93 -4.11 21.57
CA ARG A 22 -11.02 -3.68 20.72
C ARG A 22 -11.09 -2.22 20.33
N THR A 23 -10.25 -1.37 20.95
CA THR A 23 -10.21 0.06 20.56
C THR A 23 -8.74 0.30 20.21
N PRO A 24 -8.36 -0.08 18.98
CA PRO A 24 -6.96 0.07 18.62
C PRO A 24 -6.22 1.36 18.76
N ARG A 25 -6.87 2.44 18.36
CA ARG A 25 -6.18 3.72 18.40
C ARG A 25 -5.99 4.28 19.82
N ALA A 26 -6.75 3.77 20.80
CA ALA A 26 -6.56 4.30 22.15
C ALA A 26 -5.18 3.93 22.72
N ASP A 27 -4.58 2.82 22.26
CA ASP A 27 -3.22 2.45 22.65
C ASP A 27 -2.71 1.61 21.48
N LEU A 28 -2.30 2.32 20.45
CA LEU A 28 -1.91 1.66 19.22
C LEU A 28 -0.66 0.82 19.38
N TYR A 29 0.28 1.24 20.24
CA TYR A 29 1.49 0.42 20.42
C TYR A 29 1.10 -0.91 21.05
N ALA A 30 0.23 -0.90 22.05
CA ALA A 30 -0.19 -2.14 22.71
C ALA A 30 -0.98 -3.01 21.75
N PHE A 31 -1.85 -2.38 20.97
CA PHE A 31 -2.60 -3.13 19.98
C PHE A 31 -1.70 -3.85 18.95
N LEU A 32 -0.70 -3.11 18.44
CA LEU A 32 0.18 -3.72 17.44
C LEU A 32 1.10 -4.74 18.10
N ASP A 33 1.40 -4.58 19.39
CA ASP A 33 2.23 -5.58 20.04
C ASP A 33 1.39 -6.86 20.16
N ALA A 34 0.10 -6.74 20.54
CA ALA A 34 -0.80 -7.88 20.65
C ALA A 34 -0.87 -8.54 19.25
N ALA A 35 -0.99 -7.72 18.21
CA ALA A 35 -1.08 -8.30 16.87
C ALA A 35 0.19 -9.08 16.50
N HIS A 36 1.35 -8.59 16.93
CA HIS A 36 2.60 -9.26 16.62
C HIS A 36 2.62 -10.63 17.32
N THR A 37 2.24 -10.67 18.59
CA THR A 37 2.25 -11.95 19.29
C THR A 37 1.28 -12.93 18.60
N ALA A 38 0.10 -12.44 18.24
CA ALA A 38 -0.89 -13.26 17.58
C ALA A 38 -0.45 -13.71 16.19
N ALA A 39 0.34 -12.88 15.50
CA ALA A 39 0.77 -13.25 14.15
C ALA A 39 1.63 -14.51 14.12
N ALA A 40 2.28 -14.79 15.24
CA ALA A 40 3.11 -16.01 15.32
C ALA A 40 2.18 -17.22 15.22
N SER A 41 0.88 -17.03 15.46
CA SER A 41 -0.06 -18.17 15.37
C SER A 41 -0.89 -18.22 14.10
N LEU A 42 -0.53 -17.45 13.07
CA LEU A 42 -1.24 -17.52 11.82
C LEU A 42 -1.14 -18.98 11.30
N PRO A 43 -2.21 -19.45 10.65
CA PRO A 43 -2.19 -20.82 10.12
C PRO A 43 -0.91 -21.00 9.32
N GLY A 44 -0.26 -22.14 9.50
CA GLY A 44 1.02 -22.41 8.87
C GLY A 44 1.20 -22.08 7.41
N ALA A 45 0.27 -22.50 6.57
CA ALA A 45 0.40 -22.24 5.14
C ALA A 45 0.34 -20.75 4.84
N LEU A 46 -0.50 -20.01 5.58
CA LEU A 46 -0.64 -18.56 5.40
C LEU A 46 0.65 -17.86 5.84
N ALA A 47 1.20 -18.27 6.99
CA ALA A 47 2.42 -17.69 7.48
C ALA A 47 3.55 -17.92 6.48
N THR A 48 3.65 -19.16 5.98
CA THR A 48 4.72 -19.43 5.03
C THR A 48 4.60 -18.52 3.78
N ALA A 49 3.40 -18.36 3.25
CA ALA A 49 3.18 -17.52 2.08
C ALA A 49 3.60 -16.06 2.33
N LEU A 50 3.24 -15.54 3.50
CA LEU A 50 3.59 -14.20 3.86
C LEU A 50 5.10 -14.08 4.02
N ASP A 51 5.73 -15.02 4.74
CA ASP A 51 7.18 -14.92 4.89
C ASP A 51 7.93 -15.02 3.57
N THR A 52 7.45 -15.89 2.68
CA THR A 52 8.12 -16.05 1.38
C THR A 52 7.96 -14.73 0.60
N PHE A 53 6.75 -14.18 0.55
CA PHE A 53 6.57 -12.91 -0.16
C PHE A 53 7.43 -11.81 0.46
N ASN A 54 7.52 -11.80 1.79
CA ASN A 54 8.30 -10.78 2.47
C ASN A 54 9.80 -10.88 2.10
N ALA A 55 10.32 -12.08 2.03
CA ALA A 55 11.72 -12.26 1.74
C ALA A 55 12.11 -12.15 0.26
N GLU A 56 11.24 -12.60 -0.63
CA GLU A 56 11.55 -12.71 -2.04
C GLU A 56 10.71 -11.86 -2.98
N GLY A 57 9.60 -11.30 -2.45
CA GLY A 57 8.66 -10.59 -3.32
C GLY A 57 8.08 -11.65 -4.25
N SER A 58 7.57 -11.21 -5.40
CA SER A 58 7.07 -12.15 -6.42
C SER A 58 7.27 -11.50 -7.77
N GLU A 59 7.06 -12.27 -8.83
CA GLU A 59 7.22 -11.68 -10.14
C GLU A 59 6.22 -10.57 -10.43
N ASP A 60 5.00 -10.75 -9.93
CA ASP A 60 3.94 -9.80 -10.15
C ASP A 60 3.85 -8.72 -9.10
N GLY A 61 4.72 -8.79 -8.07
CA GLY A 61 4.75 -7.70 -7.13
C GLY A 61 3.68 -7.50 -6.10
N HIS A 62 2.80 -8.47 -5.91
CA HIS A 62 1.75 -8.26 -4.92
C HIS A 62 1.27 -9.61 -4.43
N LEU A 63 0.76 -9.61 -3.20
CA LEU A 63 0.18 -10.83 -2.66
C LEU A 63 -1.24 -10.45 -2.23
N LEU A 64 -2.22 -11.07 -2.85
CA LEU A 64 -3.61 -10.82 -2.57
C LEU A 64 -4.15 -11.91 -1.69
N LEU A 65 -4.58 -11.58 -0.46
CA LEU A 65 -5.23 -12.57 0.42
C LEU A 65 -6.72 -12.38 0.21
N ARG A 66 -7.39 -13.44 -0.24
CA ARG A 66 -8.82 -13.32 -0.52
C ARG A 66 -9.64 -14.16 0.40
N GLY A 67 -10.83 -13.67 0.74
CA GLY A 67 -11.70 -14.47 1.56
C GLY A 67 -11.39 -14.44 3.05
N LEU A 68 -10.67 -13.41 3.50
CA LEU A 68 -10.46 -13.24 4.93
C LEU A 68 -11.78 -12.87 5.56
N PRO A 69 -11.91 -13.08 6.87
CA PRO A 69 -13.17 -12.72 7.51
C PRO A 69 -13.39 -11.19 7.42
N VAL A 70 -14.64 -10.83 7.30
CA VAL A 70 -15.05 -9.47 7.25
C VAL A 70 -16.50 -9.48 7.77
N GLU A 71 -16.88 -8.41 8.41
CA GLU A 71 -18.28 -8.31 8.87
C GLU A 71 -19.27 -8.38 7.72
N ALA A 72 -20.48 -8.82 8.03
CA ALA A 72 -21.54 -8.70 7.05
C ALA A 72 -21.68 -7.19 6.82
N ASP A 73 -22.13 -6.81 5.62
CA ASP A 73 -22.24 -5.39 5.33
C ASP A 73 -23.13 -4.63 6.29
N ALA A 74 -24.21 -5.26 6.75
CA ALA A 74 -25.13 -4.58 7.63
C ALA A 74 -24.54 -4.39 9.01
N ASP A 75 -23.47 -5.11 9.33
CA ASP A 75 -22.84 -4.97 10.64
C ASP A 75 -21.65 -3.98 10.61
N LEU A 76 -21.28 -3.49 9.44
CA LEU A 76 -20.20 -2.51 9.36
C LEU A 76 -20.81 -1.13 9.64
N PRO A 77 -19.98 -0.17 10.09
CA PRO A 77 -20.48 1.18 10.32
C PRO A 77 -20.82 1.76 8.93
N THR A 78 -21.42 2.91 8.95
CA THR A 78 -21.66 3.64 7.75
C THR A 78 -20.25 3.99 7.18
N THR A 79 -20.09 3.98 5.84
CA THR A 79 -18.77 4.33 5.28
C THR A 79 -18.43 5.72 5.82
N PRO A 80 -17.22 5.89 6.33
CA PRO A 80 -16.79 7.18 6.87
C PRO A 80 -16.91 8.30 5.85
N SER A 81 -17.12 9.50 6.39
CA SER A 81 -17.30 10.70 5.61
C SER A 81 -16.21 11.69 5.90
N SER A 82 -15.27 11.32 6.78
CA SER A 82 -14.19 12.22 7.17
C SER A 82 -13.00 11.47 7.75
N THR A 83 -11.89 12.19 7.84
CA THR A 83 -10.64 11.70 8.39
C THR A 83 -10.10 12.84 9.28
N PRO A 84 -9.37 12.52 10.34
CA PRO A 84 -9.01 11.15 10.75
C PRO A 84 -10.17 10.47 11.48
N ALA A 85 -10.00 9.18 11.72
CA ALA A 85 -11.05 8.41 12.36
C ALA A 85 -11.04 8.65 13.87
N PRO A 86 -12.21 8.49 14.51
CA PRO A 86 -12.30 8.69 15.96
C PRO A 86 -11.36 7.71 16.66
N GLU A 87 -10.60 8.19 17.62
CA GLU A 87 -9.69 7.31 18.36
C GLU A 87 -10.46 6.15 19.06
N ASP A 88 -11.71 6.38 19.42
CA ASP A 88 -12.50 5.39 20.09
C ASP A 88 -13.17 4.38 19.14
N ARG A 89 -12.90 4.47 17.83
CA ARG A 89 -13.60 3.56 16.94
C ARG A 89 -13.32 2.11 17.21
N SER A 90 -14.37 1.32 17.37
CA SER A 90 -14.15 -0.13 17.61
C SER A 90 -13.47 -0.84 16.45
N LEU A 91 -12.69 -1.83 16.82
CA LEU A 91 -11.92 -2.61 15.86
C LEU A 91 -12.81 -3.27 14.82
N LEU A 92 -12.43 -3.09 13.56
CA LEU A 92 -13.14 -3.74 12.44
C LEU A 92 -12.30 -4.98 12.08
N THR A 93 -12.95 -6.03 11.60
CA THR A 93 -12.25 -7.27 11.30
C THR A 93 -11.14 -7.10 10.27
N MET A 94 -11.39 -6.29 9.23
CA MET A 94 -10.31 -6.08 8.25
C MET A 94 -9.13 -5.34 8.84
N GLU A 95 -9.39 -4.45 9.84
CA GLU A 95 -8.30 -3.78 10.52
C GLU A 95 -7.51 -4.77 11.37
N ALA A 96 -8.22 -5.74 11.98
CA ALA A 96 -7.52 -6.80 12.73
C ALA A 96 -6.63 -7.59 11.77
N MET A 97 -7.17 -7.91 10.57
CA MET A 97 -6.35 -8.62 9.58
C MET A 97 -5.09 -7.80 9.22
N LEU A 98 -5.23 -6.50 9.01
CA LEU A 98 -4.07 -5.65 8.74
C LEU A 98 -3.08 -5.66 9.91
N GLY A 99 -3.62 -5.80 11.13
CA GLY A 99 -2.69 -5.85 12.27
C GLY A 99 -1.88 -7.13 12.24
N LEU A 100 -2.58 -8.26 12.15
CA LEU A 100 -1.90 -9.58 12.11
C LEU A 100 -0.95 -9.74 10.93
N VAL A 101 -1.49 -9.50 9.72
CA VAL A 101 -0.67 -9.68 8.51
C VAL A 101 0.44 -8.64 8.46
N GLY A 102 0.07 -7.39 8.80
CA GLY A 102 1.09 -6.36 8.82
C GLY A 102 2.24 -6.66 9.78
N ARG A 103 1.95 -7.14 11.00
CA ARG A 103 3.05 -7.41 11.95
C ARG A 103 3.84 -8.65 11.54
N ARG A 104 3.20 -9.58 10.82
CA ARG A 104 3.95 -10.76 10.32
C ARG A 104 5.03 -10.20 9.38
N LEU A 105 4.72 -9.12 8.64
CA LEU A 105 5.69 -8.53 7.71
C LEU A 105 6.70 -7.50 8.21
N GLY A 106 6.27 -6.70 9.16
CA GLY A 106 7.09 -5.61 9.61
C GLY A 106 6.37 -4.66 10.54
N LEU A 107 6.77 -3.41 10.45
CA LEU A 107 6.26 -2.39 11.37
C LEU A 107 5.35 -1.36 10.77
N HIS A 108 4.10 -1.33 11.26
CA HIS A 108 3.18 -0.28 10.76
C HIS A 108 3.82 1.09 11.02
N THR A 109 3.66 2.02 10.08
CA THR A 109 4.30 3.33 10.17
C THR A 109 3.37 4.43 9.73
N GLY A 110 3.29 5.50 10.55
CA GLY A 110 2.53 6.70 10.22
C GLY A 110 3.52 7.73 9.75
N TYR A 111 3.02 8.73 9.00
CA TYR A 111 3.85 9.75 8.39
C TYR A 111 3.22 11.03 8.93
N ARG A 112 4.05 11.79 9.67
CA ARG A 112 3.52 12.93 10.41
C ARG A 112 2.63 13.91 9.66
N GLU A 113 3.05 14.26 8.46
CA GLU A 113 2.36 15.25 7.67
C GLU A 113 1.17 14.74 6.89
N LEU A 114 0.97 13.43 6.92
CA LEU A 114 -0.06 12.75 6.16
C LEU A 114 -1.17 12.20 7.01
N ARG A 115 -2.41 12.59 6.71
CA ARG A 115 -3.55 12.05 7.46
C ARG A 115 -3.37 12.22 8.98
N SER A 116 -2.89 13.39 9.36
CA SER A 116 -2.72 13.74 10.76
C SER A 116 -1.81 12.81 11.50
N GLY A 117 -0.88 12.13 10.80
CA GLY A 117 0.04 11.24 11.46
C GLY A 117 -0.55 9.91 11.88
N THR A 118 -1.75 9.61 11.40
CA THR A 118 -2.36 8.34 11.77
C THR A 118 -1.76 7.15 11.04
N VAL A 119 -2.01 5.96 11.58
CA VAL A 119 -1.42 4.74 11.02
C VAL A 119 -2.44 3.98 10.16
N TYR A 120 -3.68 3.86 10.62
CA TYR A 120 -4.77 3.21 9.85
C TYR A 120 -5.51 4.29 9.08
N HIS A 121 -5.53 4.19 7.77
CA HIS A 121 -6.24 5.21 6.97
C HIS A 121 -7.46 4.64 6.27
N ASP A 122 -8.62 5.24 6.45
CA ASP A 122 -9.81 4.85 5.68
C ASP A 122 -9.67 5.47 4.30
N VAL A 123 -9.89 4.64 3.27
CA VAL A 123 -9.86 5.09 1.88
C VAL A 123 -11.27 4.97 1.32
N TYR A 124 -11.91 6.14 1.18
CA TYR A 124 -13.30 6.26 0.68
C TYR A 124 -13.34 7.51 -0.19
N PRO A 125 -14.34 7.57 -1.08
CA PRO A 125 -14.45 8.71 -1.97
C PRO A 125 -15.00 9.94 -1.29
N SER A 126 -14.51 11.12 -1.72
CA SER A 126 -15.02 12.35 -1.15
C SER A 126 -15.32 13.28 -2.31
N PRO A 127 -16.39 14.07 -2.20
CA PRO A 127 -16.75 15.00 -3.27
C PRO A 127 -15.66 16.06 -3.45
N GLY A 128 -15.41 16.48 -4.68
CA GLY A 128 -14.40 17.49 -4.93
C GLY A 128 -12.98 17.12 -4.53
N ALA A 129 -12.68 15.82 -4.50
CA ALA A 129 -11.34 15.34 -4.14
C ALA A 129 -10.24 15.88 -5.06
N HIS A 130 -9.08 16.16 -4.47
CA HIS A 130 -7.94 16.63 -5.23
C HIS A 130 -7.57 15.48 -6.16
N HIS A 131 -7.12 15.78 -7.39
CA HIS A 131 -6.83 14.69 -8.33
C HIS A 131 -5.72 13.68 -7.94
N LEU A 132 -4.86 14.04 -6.99
CA LEU A 132 -3.83 13.08 -6.60
C LEU A 132 -4.23 12.28 -5.37
N SER A 133 -5.45 12.57 -4.89
CA SER A 133 -5.99 11.97 -3.68
C SER A 133 -6.58 10.57 -3.79
N SER A 134 -6.38 9.80 -2.72
CA SER A 134 -6.92 8.47 -2.64
C SER A 134 -8.46 8.62 -2.47
N GLU A 135 -8.96 9.87 -2.33
CA GLU A 135 -10.41 10.15 -2.22
C GLU A 135 -11.06 10.32 -3.56
N THR A 136 -10.27 10.20 -4.63
CA THR A 136 -10.82 10.34 -5.99
C THR A 136 -11.70 9.17 -6.33
N SER A 137 -12.54 9.38 -7.33
CA SER A 137 -13.40 8.32 -7.73
C SER A 137 -13.59 8.36 -9.22
N GLU A 138 -14.25 9.40 -9.70
CA GLU A 138 -14.54 9.48 -11.13
C GLU A 138 -13.31 9.70 -12.00
N THR A 139 -12.22 10.20 -11.43
CA THR A 139 -10.98 10.37 -12.20
C THR A 139 -9.98 9.30 -11.81
N LEU A 140 -9.32 8.77 -12.83
CA LEU A 140 -8.28 7.74 -12.64
C LEU A 140 -7.16 8.25 -11.71
N LEU A 141 -6.80 7.42 -10.72
CA LEU A 141 -5.71 7.74 -9.81
C LEU A 141 -4.52 7.05 -10.51
N GLU A 142 -3.66 7.83 -11.14
CA GLU A 142 -2.57 7.25 -11.94
C GLU A 142 -1.46 6.58 -11.19
N PHE A 143 -0.73 5.72 -11.92
CA PHE A 143 0.35 4.93 -11.35
C PHE A 143 1.31 5.72 -10.47
N HIS A 144 1.52 5.19 -9.28
CA HIS A 144 2.49 5.74 -8.35
C HIS A 144 3.02 4.65 -7.41
N THR A 145 4.31 4.77 -7.12
CA THR A 145 4.98 3.98 -6.07
C THR A 145 4.68 4.91 -4.91
N GLU A 146 4.19 4.38 -3.78
CA GLU A 146 3.85 5.28 -2.68
C GLU A 146 5.05 5.94 -2.04
N MET A 147 5.03 7.27 -2.01
CA MET A 147 6.08 8.04 -1.32
C MET A 147 7.47 7.64 -1.80
N ALA A 148 7.63 7.54 -3.12
CA ALA A 148 8.92 7.15 -3.69
C ALA A 148 10.02 8.15 -3.35
N TYR A 149 9.58 9.40 -3.14
CA TYR A 149 10.43 10.54 -2.81
C TYR A 149 10.77 10.71 -1.34
N HIS A 150 10.28 9.81 -0.49
CA HIS A 150 10.47 9.91 0.97
C HIS A 150 11.60 8.97 1.38
N ARG A 151 12.56 9.46 2.17
CA ARG A 151 13.65 8.60 2.60
C ARG A 151 13.14 7.42 3.37
N LEU A 152 12.02 7.59 4.07
CA LEU A 152 11.45 6.52 4.90
C LEU A 152 10.23 5.85 4.23
N GLN A 153 10.25 5.92 2.91
CA GLN A 153 9.25 5.22 2.06
C GLN A 153 9.08 3.79 2.62
N PRO A 154 7.83 3.30 2.73
CA PRO A 154 7.57 1.97 3.27
C PRO A 154 7.74 0.87 2.23
N ASN A 155 8.19 -0.30 2.69
CA ASN A 155 8.34 -1.45 1.77
C ASN A 155 6.97 -1.93 1.27
N TYR A 156 5.93 -1.85 2.11
CA TYR A 156 4.62 -2.29 1.66
C TYR A 156 3.52 -1.35 1.90
N VAL A 157 2.61 -1.31 0.93
CA VAL A 157 1.31 -0.64 1.14
C VAL A 157 0.31 -1.82 1.23
N MET A 158 -0.50 -1.87 2.28
CA MET A 158 -1.52 -2.89 2.43
C MET A 158 -2.89 -2.26 2.36
N LEU A 159 -3.78 -2.84 1.57
CA LEU A 159 -5.14 -2.29 1.38
C LEU A 159 -6.12 -3.41 1.70
N ALA A 160 -6.93 -3.24 2.72
CA ALA A 160 -7.95 -4.26 3.05
C ALA A 160 -9.30 -3.71 2.74
N CYS A 161 -10.14 -4.53 2.18
CA CYS A 161 -11.44 -4.05 1.75
C CYS A 161 -12.64 -4.41 2.63
N SER A 162 -13.30 -3.39 3.20
CA SER A 162 -14.58 -3.67 3.92
C SER A 162 -15.76 -3.54 2.98
N ARG A 163 -15.73 -2.57 2.07
CA ARG A 163 -16.79 -2.46 1.05
C ARG A 163 -16.15 -2.19 -0.29
N ALA A 164 -16.65 -2.87 -1.33
CA ALA A 164 -16.24 -2.48 -2.66
C ALA A 164 -17.23 -1.40 -3.14
N ASP A 165 -16.92 -0.70 -4.24
CA ASP A 165 -17.91 0.29 -4.76
C ASP A 165 -19.13 -0.50 -5.27
N HIS A 166 -20.29 0.16 -5.30
CA HIS A 166 -21.52 -0.54 -5.66
C HIS A 166 -21.51 -1.41 -6.91
N GLU A 167 -20.97 -0.87 -7.98
CA GLU A 167 -20.95 -1.62 -9.25
C GLU A 167 -19.69 -2.45 -9.47
N ARG A 168 -18.81 -2.44 -8.47
CA ARG A 168 -17.53 -3.16 -8.53
C ARG A 168 -16.76 -2.84 -9.78
N THR A 169 -16.60 -1.54 -10.05
CA THR A 169 -15.85 -1.08 -11.20
C THR A 169 -14.47 -0.56 -10.85
N ALA A 170 -14.24 -0.16 -9.59
CA ALA A 170 -12.91 0.33 -9.24
C ALA A 170 -11.90 -0.80 -9.23
N ALA A 171 -10.92 -0.74 -10.11
CA ALA A 171 -9.88 -1.79 -10.16
C ALA A 171 -8.62 -1.21 -9.59
N THR A 172 -7.91 -1.95 -8.77
CA THR A 172 -6.62 -1.52 -8.26
C THR A 172 -5.61 -2.11 -9.21
N LEU A 173 -4.85 -1.25 -9.89
CA LEU A 173 -3.89 -1.72 -10.88
C LEU A 173 -2.51 -1.80 -10.28
N VAL A 174 -1.78 -2.85 -10.65
CA VAL A 174 -0.41 -2.99 -10.16
C VAL A 174 0.51 -3.30 -11.33
N ALA A 175 1.69 -2.66 -11.41
CA ALA A 175 2.64 -2.99 -12.48
C ALA A 175 3.94 -3.26 -11.76
N SER A 176 4.54 -4.41 -12.08
CA SER A 176 5.72 -4.90 -11.44
C SER A 176 6.98 -4.71 -12.25
N VAL A 177 8.03 -4.20 -11.59
CA VAL A 177 9.32 -4.02 -12.25
C VAL A 177 9.86 -5.33 -12.77
N ARG A 178 9.60 -6.44 -12.11
CA ARG A 178 10.12 -7.72 -12.61
C ARG A 178 9.50 -8.15 -13.94
N LYS A 179 8.31 -7.65 -14.24
CA LYS A 179 7.68 -7.96 -15.55
C LYS A 179 8.02 -6.86 -16.56
N ALA A 180 8.16 -5.62 -16.11
CA ALA A 180 8.46 -4.50 -17.02
C ALA A 180 9.92 -4.49 -17.52
N LEU A 181 10.84 -4.84 -16.64
CA LEU A 181 12.26 -4.73 -16.99
C LEU A 181 12.74 -5.41 -18.24
N PRO A 182 12.31 -6.64 -18.50
CA PRO A 182 12.76 -7.34 -19.70
C PRO A 182 12.35 -6.63 -20.98
N LEU A 183 11.35 -5.77 -20.90
CA LEU A 183 10.83 -5.08 -22.07
C LEU A 183 11.68 -3.87 -22.40
N LEU A 184 12.61 -3.53 -21.51
CA LEU A 184 13.44 -2.32 -21.72
C LEU A 184 14.74 -2.76 -22.35
N ASP A 185 15.31 -1.91 -23.22
CA ASP A 185 16.57 -2.29 -23.84
C ASP A 185 17.71 -1.99 -22.86
N GLU A 186 18.94 -2.40 -23.20
CA GLU A 186 20.01 -2.21 -22.24
C GLU A 186 20.37 -0.78 -21.95
N ARG A 187 20.34 0.06 -22.98
CA ARG A 187 20.63 1.48 -22.86
C ARG A 187 19.68 2.13 -21.86
N THR A 188 18.38 1.80 -21.96
CA THR A 188 17.36 2.39 -21.10
C THR A 188 17.54 1.93 -19.67
N ARG A 189 17.71 0.62 -19.45
CA ARG A 189 17.93 0.14 -18.11
C ARG A 189 19.14 0.83 -17.50
N ALA A 190 20.20 0.96 -18.30
CA ALA A 190 21.43 1.54 -17.79
C ALA A 190 21.29 3.01 -17.42
N ARG A 191 20.52 3.76 -18.20
CA ARG A 191 20.30 5.19 -17.93
C ARG A 191 19.48 5.38 -16.65
N LEU A 192 18.50 4.49 -16.44
CA LEU A 192 17.63 4.60 -15.26
C LEU A 192 18.27 4.14 -13.97
N LEU A 193 19.09 3.10 -14.05
CA LEU A 193 19.65 2.50 -12.85
C LEU A 193 20.56 3.39 -12.00
N ASP A 194 20.14 3.62 -10.77
CA ASP A 194 20.85 4.46 -9.80
C ASP A 194 20.97 5.91 -10.22
N ARG A 195 20.14 6.35 -11.14
CA ARG A 195 20.23 7.75 -11.60
C ARG A 195 19.17 8.61 -10.93
N ARG A 196 19.62 9.58 -10.13
CA ARG A 196 18.73 10.51 -9.45
C ARG A 196 18.03 11.48 -10.42
N MET A 197 16.71 11.59 -10.30
CA MET A 197 15.91 12.45 -11.15
C MET A 197 15.00 13.24 -10.24
N PRO A 198 14.70 14.47 -10.61
CA PRO A 198 13.84 15.33 -9.77
C PRO A 198 12.46 14.71 -9.62
N CYS A 199 11.91 14.85 -8.41
CA CYS A 199 10.57 14.34 -8.16
C CYS A 199 9.83 15.25 -7.16
N CYS A 200 8.60 15.59 -7.51
CA CYS A 200 7.77 16.39 -6.64
C CYS A 200 7.27 15.49 -5.51
N VAL A 201 6.61 16.08 -4.53
CA VAL A 201 6.10 15.30 -3.42
C VAL A 201 4.56 15.41 -3.35
N ASP A 202 3.91 14.52 -2.62
CA ASP A 202 2.46 14.56 -2.49
C ASP A 202 2.03 15.81 -1.75
N VAL A 203 0.79 16.21 -1.96
CA VAL A 203 0.27 17.42 -1.35
C VAL A 203 0.57 17.51 0.14
N ALA A 204 0.37 16.41 0.84
CA ALA A 204 0.60 16.45 2.29
C ALA A 204 1.99 16.90 2.72
N PHE A 205 3.00 16.62 1.89
CA PHE A 205 4.38 16.93 2.22
C PHE A 205 4.89 18.24 1.67
N ARG A 206 3.98 19.02 1.10
CA ARG A 206 4.40 20.28 0.52
C ARG A 206 4.70 21.31 1.61
N GLY A 207 5.65 22.20 1.32
CA GLY A 207 6.03 23.17 2.32
C GLY A 207 7.02 22.43 3.23
N ILE A 215 12.32 19.70 -2.50
CA ILE A 215 12.58 18.89 -3.73
C ILE A 215 13.22 17.56 -3.40
N ALA A 216 12.89 16.55 -4.19
CA ALA A 216 13.45 15.23 -3.95
C ALA A 216 14.09 14.68 -5.19
N GLN A 217 14.99 13.70 -4.98
CA GLN A 217 15.69 13.05 -6.09
C GLN A 217 15.33 11.58 -5.98
N VAL A 218 14.77 11.03 -7.04
CA VAL A 218 14.35 9.63 -7.02
C VAL A 218 15.11 8.88 -8.10
N LYS A 219 15.61 7.69 -7.76
CA LYS A 219 16.26 6.80 -8.74
C LYS A 219 15.10 5.90 -9.24
N PRO A 220 14.75 5.96 -10.54
CA PRO A 220 13.62 5.14 -10.99
C PRO A 220 13.89 3.65 -10.90
N LEU A 221 15.13 3.25 -11.11
CA LEU A 221 15.53 1.86 -10.88
C LEU A 221 16.73 1.98 -9.96
N TYR A 222 16.89 1.00 -9.07
CA TYR A 222 18.03 1.03 -8.15
C TYR A 222 18.33 -0.32 -7.55
N GLY A 223 19.54 -0.46 -6.99
CA GLY A 223 19.94 -1.74 -6.43
C GLY A 223 20.53 -2.70 -7.48
N ASP A 224 20.48 -4.00 -7.16
CA ASP A 224 21.04 -4.99 -8.04
C ASP A 224 20.57 -4.83 -9.49
N ALA A 225 21.51 -4.67 -10.42
CA ALA A 225 21.08 -4.49 -11.80
C ALA A 225 20.26 -5.63 -12.43
N ASP A 226 20.40 -6.86 -11.92
CA ASP A 226 19.66 -7.96 -12.50
C ASP A 226 18.28 -8.11 -11.86
N ASP A 227 18.01 -7.39 -10.77
CA ASP A 227 16.69 -7.48 -10.12
C ASP A 227 16.48 -6.19 -9.37
N PRO A 228 16.45 -5.07 -10.12
CA PRO A 228 16.30 -3.78 -9.46
C PRO A 228 14.99 -3.47 -8.81
N PHE A 229 15.08 -2.55 -7.87
CA PHE A 229 13.90 -1.96 -7.25
C PHE A 229 13.43 -0.83 -8.19
N LEU A 230 12.19 -0.40 -7.98
CA LEU A 230 11.50 0.61 -8.79
C LEU A 230 10.93 1.77 -7.97
N GLY A 231 11.16 3.00 -8.45
CA GLY A 231 10.56 4.20 -7.85
C GLY A 231 9.93 4.96 -9.02
N TYR A 232 8.62 4.90 -9.20
CA TYR A 232 7.98 5.57 -10.33
C TYR A 232 6.71 6.28 -9.93
N ASP A 233 6.47 7.50 -10.45
CA ASP A 233 5.26 8.22 -10.13
C ASP A 233 4.90 8.98 -11.42
N ARG A 234 3.79 8.59 -12.04
CA ARG A 234 3.41 9.20 -13.32
C ARG A 234 3.12 10.68 -13.25
N GLU A 235 2.74 11.15 -12.07
CA GLU A 235 2.40 12.55 -11.88
C GLU A 235 3.53 13.38 -11.33
N LEU A 236 4.34 12.77 -10.47
CA LEU A 236 5.36 13.52 -9.74
C LEU A 236 6.80 13.43 -10.18
N LEU A 237 7.17 12.35 -10.86
CA LEU A 237 8.57 12.21 -11.29
C LEU A 237 8.73 13.21 -12.41
N ALA A 238 9.80 14.00 -12.35
CA ALA A 238 9.94 15.04 -13.34
C ALA A 238 11.34 15.18 -13.91
N PRO A 239 11.72 14.25 -14.77
CA PRO A 239 13.06 14.32 -15.38
C PRO A 239 13.14 15.55 -16.29
N GLU A 240 14.31 16.18 -16.36
CA GLU A 240 14.47 17.38 -17.23
C GLU A 240 15.35 17.01 -18.43
N ASP A 241 16.45 16.33 -18.15
CA ASP A 241 17.37 15.92 -19.19
C ASP A 241 16.60 15.12 -20.22
N PRO A 242 16.75 15.44 -21.51
CA PRO A 242 16.03 14.67 -22.53
C PRO A 242 16.30 13.17 -22.56
N ALA A 243 17.52 12.74 -22.24
CA ALA A 243 17.84 11.32 -22.25
C ALA A 243 17.11 10.65 -21.08
N ASP A 244 16.99 11.38 -19.99
CA ASP A 244 16.27 10.87 -18.81
C ASP A 244 14.78 10.78 -19.11
N LYS A 245 14.22 11.81 -19.74
CA LYS A 245 12.80 11.79 -20.07
C LYS A 245 12.47 10.62 -21.00
N GLU A 246 13.36 10.35 -21.92
CA GLU A 246 13.14 9.29 -22.85
C GLU A 246 13.18 7.93 -22.14
N ALA A 247 14.13 7.78 -21.23
CA ALA A 247 14.25 6.52 -20.51
C ALA A 247 13.02 6.30 -19.61
N VAL A 248 12.54 7.36 -18.95
CA VAL A 248 11.35 7.26 -18.09
C VAL A 248 10.10 6.97 -18.94
N ALA A 249 10.00 7.53 -20.14
CA ALA A 249 8.83 7.24 -21.00
C ALA A 249 8.83 5.75 -21.41
N ALA A 250 10.02 5.18 -21.64
CA ALA A 250 10.07 3.78 -22.03
C ALA A 250 9.64 2.94 -20.81
N LEU A 251 10.08 3.35 -19.63
CA LEU A 251 9.71 2.63 -18.40
C LEU A 251 8.20 2.72 -18.21
N SER A 252 7.66 3.92 -18.38
CA SER A 252 6.22 4.15 -18.24
C SER A 252 5.40 3.26 -19.17
N LYS A 253 5.84 3.16 -20.43
CA LYS A 253 5.14 2.32 -21.40
C LYS A 253 5.21 0.82 -20.98
N ALA A 254 6.39 0.38 -20.54
CA ALA A 254 6.51 -1.02 -20.17
C ALA A 254 5.64 -1.33 -18.93
N LEU A 255 5.56 -0.39 -17.98
CA LEU A 255 4.71 -0.63 -16.81
C LEU A 255 3.26 -0.76 -17.27
N ASP A 256 2.82 0.10 -18.19
CA ASP A 256 1.45 -0.05 -18.70
C ASP A 256 1.27 -1.42 -19.32
N GLU A 257 2.27 -1.84 -20.09
CA GLU A 257 2.21 -3.11 -20.77
C GLU A 257 2.14 -4.35 -19.92
N VAL A 258 2.53 -4.22 -18.66
CA VAL A 258 2.43 -5.37 -17.79
C VAL A 258 1.42 -5.17 -16.66
N THR A 259 0.57 -4.18 -16.84
CA THR A 259 -0.46 -3.92 -15.82
C THR A 259 -1.31 -5.12 -15.49
N GLU A 260 -1.55 -5.36 -14.19
CA GLU A 260 -2.45 -6.38 -13.72
C GLU A 260 -3.51 -5.69 -12.88
N ALA A 261 -4.69 -6.28 -12.79
CA ALA A 261 -5.81 -5.65 -12.09
C ALA A 261 -6.39 -6.50 -11.02
N VAL A 262 -6.66 -5.88 -9.89
CA VAL A 262 -7.29 -6.55 -8.76
C VAL A 262 -8.55 -5.79 -8.45
N TYR A 263 -9.68 -6.49 -8.43
CA TYR A 263 -10.93 -5.85 -8.04
C TYR A 263 -11.14 -6.22 -6.59
N LEU A 264 -10.86 -5.28 -5.69
CA LEU A 264 -10.95 -5.61 -4.26
C LEU A 264 -12.40 -5.81 -3.84
N GLU A 265 -12.63 -6.92 -3.16
CA GLU A 265 -13.98 -7.17 -2.65
C GLU A 265 -13.85 -7.38 -1.14
N PRO A 266 -14.97 -7.28 -0.42
CA PRO A 266 -14.91 -7.44 1.05
C PRO A 266 -14.16 -8.69 1.45
N GLY A 267 -13.25 -8.56 2.42
CA GLY A 267 -12.47 -9.73 2.85
C GLY A 267 -11.12 -9.85 2.13
N ASP A 268 -10.87 -8.97 1.14
CA ASP A 268 -9.59 -9.01 0.45
C ASP A 268 -8.57 -8.13 1.16
N LEU A 269 -7.30 -8.56 1.16
CA LEU A 269 -6.21 -7.75 1.71
C LEU A 269 -5.10 -7.88 0.68
N LEU A 270 -4.80 -6.76 0.05
CA LEU A 270 -3.79 -6.73 -0.98
C LEU A 270 -2.51 -6.14 -0.43
N ILE A 271 -1.41 -6.89 -0.57
CA ILE A 271 -0.10 -6.47 -0.12
C ILE A 271 0.69 -6.07 -1.36
N VAL A 272 0.98 -4.79 -1.50
CA VAL A 272 1.75 -4.27 -2.63
C VAL A 272 3.23 -4.13 -2.24
N ASP A 273 4.13 -4.73 -3.03
CA ASP A 273 5.57 -4.56 -2.79
C ASP A 273 5.90 -3.18 -3.33
N ASN A 274 5.96 -2.22 -2.42
CA ASN A 274 6.16 -0.84 -2.76
C ASN A 274 7.55 -0.48 -3.17
N PHE A 275 8.47 -1.43 -3.17
CA PHE A 275 9.79 -1.14 -3.75
C PHE A 275 9.92 -1.80 -5.13
N ARG A 276 8.89 -2.48 -5.62
CA ARG A 276 9.01 -3.16 -6.90
C ARG A 276 7.80 -2.99 -7.80
N THR A 277 6.88 -2.13 -7.40
CA THR A 277 5.68 -1.95 -8.17
C THR A 277 5.24 -0.50 -8.12
N THR A 278 4.28 -0.19 -8.97
CA THR A 278 3.60 1.09 -8.91
C THR A 278 2.12 0.66 -8.97
N HIS A 279 1.20 1.43 -8.39
CA HIS A 279 -0.22 1.08 -8.38
C HIS A 279 -1.10 2.25 -8.73
N ALA A 280 -2.36 1.94 -9.04
CA ALA A 280 -3.31 2.96 -9.49
C ALA A 280 -4.70 2.46 -9.22
N ARG A 281 -5.71 3.32 -9.41
CA ARG A 281 -7.09 2.90 -9.22
C ARG A 281 -7.97 3.51 -10.31
N THR A 282 -8.76 2.67 -10.97
CA THR A 282 -9.61 3.13 -12.07
C THR A 282 -10.86 3.84 -11.55
N PRO A 283 -11.55 4.56 -12.44
CA PRO A 283 -12.75 5.29 -12.04
C PRO A 283 -13.93 4.53 -11.52
N PHE A 284 -14.66 5.19 -10.64
CA PHE A 284 -15.94 4.63 -10.18
C PHE A 284 -16.82 5.81 -9.75
N SER A 285 -18.13 5.58 -9.71
CA SER A 285 -19.07 6.62 -9.33
C SER A 285 -19.67 6.42 -7.95
N PRO A 286 -19.31 7.30 -7.01
CA PRO A 286 -19.84 7.20 -5.65
C PRO A 286 -21.35 7.50 -5.62
N ARG A 287 -22.02 7.02 -4.60
CA ARG A 287 -23.46 7.29 -4.47
C ARG A 287 -23.73 8.18 -3.26
N TRP A 288 -22.74 8.33 -2.40
CA TRP A 288 -22.88 9.16 -1.16
C TRP A 288 -24.10 8.71 -0.37
N ASP A 289 -24.28 7.40 -0.23
CA ASP A 289 -25.40 6.77 0.44
C ASP A 289 -25.06 6.03 1.72
N GLY A 290 -23.81 6.15 2.16
CA GLY A 290 -23.43 5.44 3.37
C GLY A 290 -22.84 4.08 3.11
N LYS A 291 -22.84 3.64 1.84
CA LYS A 291 -22.28 2.32 1.51
C LYS A 291 -21.22 2.42 0.43
N ASP A 292 -20.65 3.59 0.28
CA ASP A 292 -19.56 3.75 -0.71
C ASP A 292 -18.36 2.85 -0.33
N ARG A 293 -17.55 2.60 -1.37
CA ARG A 293 -16.30 1.86 -1.27
C ARG A 293 -15.53 2.29 -0.01
N TRP A 294 -14.89 1.34 0.64
CA TRP A 294 -14.19 1.61 1.91
C TRP A 294 -13.10 0.59 2.07
N LEU A 295 -11.89 1.08 1.92
CA LEU A 295 -10.70 0.26 2.19
C LEU A 295 -10.03 0.82 3.46
N HIS A 296 -9.12 0.02 4.01
CA HIS A 296 -8.28 0.38 5.14
C HIS A 296 -6.85 0.23 4.63
N ARG A 297 -6.07 1.27 4.79
CA ARG A 297 -4.68 1.27 4.33
C ARG A 297 -3.69 1.40 5.48
N VAL A 298 -2.62 0.62 5.42
CA VAL A 298 -1.51 0.80 6.34
C VAL A 298 -0.23 0.67 5.53
N TYR A 299 0.84 1.22 6.09
CA TYR A 299 2.18 1.21 5.50
C TYR A 299 3.09 0.38 6.40
N ILE A 300 3.84 -0.55 5.82
CA ILE A 300 4.70 -1.39 6.62
C ILE A 300 6.18 -1.21 6.26
N ARG A 301 6.98 -0.98 7.29
CA ARG A 301 8.43 -0.91 7.09
C ARG A 301 9.09 -2.25 7.48
N THR A 302 10.16 -2.57 6.77
CA THR A 302 10.94 -3.78 7.01
C THR A 302 12.42 -3.43 7.20
N ASP A 303 13.28 -4.46 7.30
CA ASP A 303 14.69 -4.26 7.44
C ASP A 303 15.36 -3.87 6.12
N ARG A 304 14.66 -3.93 4.98
CA ARG A 304 15.35 -3.55 3.72
C ARG A 304 15.81 -2.13 3.54
N ASN A 305 16.87 -1.95 2.73
CA ASN A 305 17.28 -0.62 2.21
C ASN A 305 17.11 0.68 3.02
N GLY A 306 17.46 0.66 4.28
CA GLY A 306 17.43 1.86 5.08
C GLY A 306 16.15 2.47 5.60
N GLN A 307 15.12 1.67 5.76
CA GLN A 307 13.86 2.14 6.28
C GLN A 307 13.97 2.31 7.81
N LEU A 308 14.86 1.51 8.42
CA LEU A 308 14.95 1.49 9.89
C LEU A 308 16.37 1.79 10.36
N SER A 309 16.49 2.60 11.40
CA SER A 309 17.84 2.93 11.90
C SER A 309 18.01 2.46 13.36
N GLY A 310 16.97 1.87 13.96
CA GLY A 310 17.09 1.37 15.31
C GLY A 310 16.07 1.89 16.29
N GLY A 311 15.50 0.99 17.05
CA GLY A 311 14.55 1.34 18.08
C GLY A 311 13.11 1.53 17.62
N GLU A 312 12.89 1.41 16.32
CA GLU A 312 11.49 1.59 15.86
C GLU A 312 10.51 0.58 16.43
N ARG A 313 9.26 1.02 16.57
CA ARG A 313 8.16 0.17 16.99
C ARG A 313 7.01 0.33 15.99
N ALA A 314 6.24 -0.73 15.83
CA ALA A 314 5.07 -0.66 14.95
C ALA A 314 4.13 0.34 15.64
N GLY A 315 3.70 1.33 14.87
CA GLY A 315 2.86 2.39 15.42
C GLY A 315 3.61 3.73 15.43
N ASP A 316 4.93 3.74 15.22
CA ASP A 316 5.69 5.00 15.23
C ASP A 316 5.24 5.87 14.05
N VAL A 317 5.39 7.19 14.22
CA VAL A 317 5.09 8.18 13.20
C VAL A 317 6.45 8.83 12.88
N VAL A 318 6.77 8.91 11.59
CA VAL A 318 8.02 9.51 11.18
C VAL A 318 7.84 10.79 10.42
N ALA A 319 8.85 11.66 10.47
CA ALA A 319 8.78 12.94 9.81
C ALA A 319 9.32 12.85 8.42
N PHE A 320 8.95 13.86 7.66
CA PHE A 320 9.37 13.91 6.28
C PHE A 320 10.81 14.30 6.00
N THR A 321 11.51 13.51 5.19
CA THR A 321 12.85 13.90 4.71
C THR A 321 12.88 13.41 3.26
N PRO A 322 13.14 14.32 2.32
CA PRO A 322 13.19 13.89 0.91
C PRO A 322 14.45 13.10 0.57
N ARG A 323 14.30 12.16 -0.36
CA ARG A 323 15.46 11.43 -0.85
C ARG A 323 16.29 12.48 -1.61
N GLY A 324 17.61 12.31 -1.57
CA GLY A 324 18.45 13.26 -2.28
C GLY A 324 19.64 12.60 -2.92
N1 AAG B . -0.76 9.32 -1.42
C1 AAG B . -1.98 9.81 -2.03
C2 AAG B . -2.39 8.92 -3.23
C4 AAG B . -1.28 8.89 -4.32
C5 AAG B . -1.16 10.28 -5.04
N2 AAG B . -0.74 10.10 -6.42
C6 AAG B . 0.55 10.29 -6.80
N3 AAG B . 1.50 10.48 -5.86
N4 AAG B . 0.83 10.28 -8.04
C3 AAG B . -3.10 9.81 -1.04
O1 AAG B . -3.14 9.03 -0.10
O2 AAG B . -4.05 10.74 -1.26
C8 AAG B . -0.05 10.01 -0.51
C9 AAG B . 1.12 9.39 0.21
O4 AAG B . -0.31 11.20 -0.28
FE FE2 C . -1.37 4.67 -3.38
S SO4 D . 25.54 11.53 -18.25
O1 SO4 D . 25.65 10.10 -17.76
O2 SO4 D . 24.57 12.28 -17.43
O3 SO4 D . 25.16 11.54 -19.70
O4 SO4 D . 26.86 12.20 -18.10
S SO4 E . 18.08 8.51 -0.01
O1 SO4 E . 17.36 8.07 -1.20
O2 SO4 E . 17.29 8.20 1.21
O3 SO4 E . 18.36 9.97 -0.04
O4 SO4 E . 19.35 7.77 0.08
S SO4 F . -9.92 -4.80 25.20
O1 SO4 F . -8.88 -5.85 25.42
O2 SO4 F . -10.77 -4.74 26.38
O3 SO4 F . -10.73 -5.16 24.03
O4 SO4 F . -9.24 -3.51 25.03
C1 AKG G . -3.76 4.11 -2.03
O1 AKG G . -2.54 4.29 -1.88
O2 AKG G . -4.65 4.03 -1.04
C2 AKG G . -4.23 4.07 -3.38
O5 AKG G . -3.42 4.31 -4.24
C3 AKG G . -5.68 3.82 -3.69
C4 AKG G . -5.87 2.36 -4.10
C5 AKG G . -7.34 2.01 -4.32
O3 AKG G . -8.27 2.80 -4.10
O4 AKG G . -7.52 0.86 -4.74
C1 GOL H . 9.65 -2.39 -25.60
O1 GOL H . 9.52 -3.81 -25.38
C2 GOL H . 8.27 -1.70 -25.54
O2 GOL H . 7.85 -1.65 -24.14
C3 GOL H . 7.24 -2.51 -26.39
O3 GOL H . 6.09 -1.76 -26.73
C1 GOL I . -17.85 4.79 16.49
O1 GOL I . -16.54 5.58 16.64
C2 GOL I . -17.88 3.16 16.79
O2 GOL I . -16.89 2.72 17.70
C3 GOL I . -17.76 2.25 15.51
O3 GOL I . -17.94 2.94 14.31
C1 GOL J . 22.12 12.67 -11.10
O1 GOL J . 21.20 12.57 -12.24
C2 GOL J . 23.26 11.59 -11.20
O2 GOL J . 22.91 10.60 -12.20
C3 GOL J . 23.54 10.85 -9.87
O3 GOL J . 22.44 10.01 -9.48
C1 GOL K . -15.47 -6.96 -11.03
O1 GOL K . -16.66 -6.49 -11.71
C2 GOL K . -14.73 -8.22 -11.71
O2 GOL K . -15.50 -8.77 -12.83
C3 GOL K . -14.40 -9.40 -10.76
O3 GOL K . -13.02 -9.86 -11.01
#